data_2XZG
#
_entry.id   2XZG
#
_cell.length_a   71.340
_cell.length_b   73.915
_cell.length_c   84.384
_cell.angle_alpha   90.00
_cell.angle_beta   90.00
_cell.angle_gamma   90.00
#
_symmetry.space_group_name_H-M   'P 21 21 21'
#
loop_
_entity.id
_entity.type
_entity.pdbx_description
1 polymer 'CLATHRIN HEAVY CHAIN 1'
2 non-polymer DI(HYDROXYETHYL)ETHER
3 non-polymer GLYCEROL
4 non-polymer 'ACETATE ION'
5 non-polymer 2-(4-AMINOBENZYL)-1,3-DIOXO-2,3-DIHYDRO-1H-BENZO[DE]ISOQUINOLINE-5-SULFONATE
6 water water
#
_entity_poly.entity_id   1
_entity_poly.type   'polypeptide(L)'
_entity_poly.pdbx_seq_one_letter_code
;FMAQILPIRFQEHLQLQNLGINPANIGFSTLTMESDKFICIREKVGEQAQVVIIDMNDPSNPIRRPISADSAIMNPASKV
IALKAGKTLQIFNIEMKSKMKAHTMTDDVTFWKWISLNTVALVTDNAVYHWSMEGESQPVKMFDRHSSLAGCQIINYRTD
AKQKWLLLTGISAQQNRVVGAMQLYSVDRKVSQPIEGHAASFAQFKMEGNAEESTLFCFAVRGQAGGKLHIIEVGTPPTG
NQPFPKKAVDVFFPPEAQNDFPVAMQISEKHDVVFLITKYGYIHLYDLETGTCIYMNRISGETIFVTAPHEATAGIIGVN
RKGQVLSVCVEEENIIPYITNVLQNPDLALRMAVRNNLAGAEELF
;
_entity_poly.pdbx_strand_id   A
#
# COMPACT_ATOMS: atom_id res chain seq x y z
N PHE A 1 8.18 20.88 25.32
CA PHE A 1 9.60 20.38 25.38
C PHE A 1 9.97 19.53 24.09
N MET A 2 11.11 19.90 23.51
N MET A 2 11.06 19.91 23.45
CA MET A 2 11.68 19.32 22.28
CA MET A 2 11.60 19.21 22.28
C MET A 2 10.72 19.40 21.10
C MET A 2 10.84 19.48 21.00
N ALA A 3 9.99 20.51 21.03
CA ALA A 3 9.15 20.86 19.88
C ALA A 3 9.92 21.04 18.58
N GLN A 4 11.20 21.35 18.63
CA GLN A 4 11.99 21.56 17.38
C GLN A 4 12.34 20.29 16.59
N ILE A 5 12.09 19.09 17.15
CA ILE A 5 12.46 17.89 16.42
C ILE A 5 11.22 16.98 16.33
N LEU A 6 11.15 16.24 15.23
CA LEU A 6 10.12 15.24 15.07
C LEU A 6 10.74 13.85 14.91
N PRO A 7 9.94 12.80 15.07
CA PRO A 7 10.47 11.52 14.81
C PRO A 7 10.46 11.13 13.35
N ILE A 8 9.91 12.03 12.52
CA ILE A 8 9.81 11.81 11.06
C ILE A 8 10.49 12.94 10.30
N ARG A 9 10.75 12.62 9.04
CA ARG A 9 11.11 13.59 7.97
C ARG A 9 10.02 13.52 6.90
N PHE A 10 9.34 14.65 6.73
CA PHE A 10 8.39 14.91 5.66
C PHE A 10 9.11 15.49 4.47
N GLN A 11 8.78 15.02 3.26
CA GLN A 11 9.34 15.55 2.01
C GLN A 11 8.27 15.72 0.96
N GLU A 12 8.41 16.80 0.19
CA GLU A 12 7.68 16.94 -1.07
C GLU A 12 8.65 16.67 -2.19
N HIS A 13 8.28 15.75 -3.06
CA HIS A 13 9.16 15.39 -4.17
C HIS A 13 8.80 16.05 -5.52
N LEU A 14 7.52 16.30 -5.72
CA LEU A 14 7.02 16.80 -7.00
C LEU A 14 5.72 17.42 -6.83
N GLN A 15 5.38 18.31 -7.76
CA GLN A 15 4.04 18.73 -7.91
C GLN A 15 3.62 18.40 -9.35
N LEU A 16 2.73 17.43 -9.49
CA LEU A 16 2.35 16.92 -10.83
C LEU A 16 1.72 18.00 -11.75
N GLN A 17 1.04 18.98 -11.19
CA GLN A 17 0.44 20.06 -12.00
C GLN A 17 1.51 20.92 -12.70
N ASN A 18 2.71 20.96 -12.16
CA ASN A 18 3.84 21.64 -12.78
C ASN A 18 4.53 20.83 -13.87
N LEU A 19 4.09 19.59 -14.08
CA LEU A 19 4.64 18.75 -15.11
C LEU A 19 3.59 18.58 -16.17
N GLY A 20 2.61 19.49 -16.22
CA GLY A 20 1.60 19.49 -17.26
C GLY A 20 0.54 18.42 -17.15
N ILE A 21 0.39 17.86 -15.94
CA ILE A 21 -0.73 16.95 -15.68
C ILE A 21 -2.01 17.71 -15.36
N ASN A 22 -3.11 17.36 -16.01
CA ASN A 22 -4.39 17.98 -15.77
C ASN A 22 -4.95 17.48 -14.43
N PRO A 23 -5.33 18.40 -13.53
CA PRO A 23 -5.82 17.92 -12.23
C PRO A 23 -6.99 16.95 -12.30
N ALA A 24 -7.77 16.96 -13.39
CA ALA A 24 -8.88 16.03 -13.50
C ALA A 24 -8.39 14.58 -13.59
N ASN A 25 -7.13 14.37 -13.94
CA ASN A 25 -6.59 13.02 -14.07
C ASN A 25 -5.76 12.60 -12.83
N ILE A 26 -5.79 13.43 -11.81
CA ILE A 26 -5.04 13.11 -10.58
C ILE A 26 -6.01 12.47 -9.64
N GLY A 27 -6.16 11.16 -9.77
CA GLY A 27 -7.09 10.38 -8.99
C GLY A 27 -6.95 8.88 -9.22
N PHE A 28 -7.65 8.15 -8.39
CA PHE A 28 -7.50 6.69 -8.24
C PHE A 28 -7.66 5.95 -9.57
N SER A 29 -8.64 6.42 -10.37
CA SER A 29 -8.95 5.65 -11.58
C SER A 29 -7.97 5.88 -12.70
N THR A 30 -7.22 6.99 -12.67
CA THR A 30 -6.35 7.39 -13.75
C THR A 30 -4.86 7.56 -13.49
N LEU A 31 -4.45 7.49 -12.21
CA LEU A 31 -3.10 7.71 -11.81
C LEU A 31 -2.67 6.55 -10.89
N THR A 32 -1.64 5.83 -11.33
CA THR A 32 -1.14 4.68 -10.59
C THR A 32 0.32 4.91 -10.18
N MET A 33 0.62 4.38 -8.99
CA MET A 33 1.98 4.41 -8.43
C MET A 33 2.21 3.07 -7.71
N GLU A 34 2.70 2.09 -8.47
CA GLU A 34 2.84 0.71 -8.05
C GLU A 34 4.08 0.51 -7.20
N SER A 35 5.01 1.42 -7.33
CA SER A 35 6.21 1.53 -6.46
C SER A 35 6.70 2.95 -6.52
N ASP A 36 7.77 3.30 -5.78
CA ASP A 36 8.33 4.65 -5.84
C ASP A 36 9.14 5.02 -7.06
N LYS A 37 9.26 4.09 -8.00
CA LYS A 37 10.03 4.31 -9.19
C LYS A 37 9.34 5.09 -10.33
N PHE A 38 8.00 4.96 -10.42
CA PHE A 38 7.23 5.53 -11.53
C PHE A 38 5.89 6.00 -11.05
N ILE A 39 5.40 7.03 -11.70
CA ILE A 39 3.97 7.41 -11.67
C ILE A 39 3.46 7.31 -13.11
N CYS A 40 2.33 6.73 -13.28
CA CYS A 40 1.71 6.54 -14.61
C CYS A 40 0.31 7.18 -14.60
N ILE A 41 0.04 8.04 -15.57
CA ILE A 41 -1.23 8.74 -15.65
C ILE A 41 -1.84 8.56 -17.03
N ARG A 42 -3.10 8.18 -17.05
CA ARG A 42 -3.91 8.16 -18.28
C ARG A 42 -4.61 9.50 -18.47
N GLU A 43 -4.43 10.08 -19.66
CA GLU A 43 -5.02 11.40 -19.98
C GLU A 43 -5.54 11.36 -21.42
N LYS A 44 -6.52 12.18 -21.70
CA LYS A 44 -7.08 12.30 -23.05
C LYS A 44 -6.87 13.74 -23.48
N VAL A 45 -6.03 13.95 -24.49
CA VAL A 45 -5.72 15.29 -25.02
C VAL A 45 -6.41 15.41 -26.37
N GLY A 46 -7.40 16.30 -26.47
CA GLY A 46 -8.32 16.31 -27.61
C GLY A 46 -9.13 15.01 -27.62
N GLU A 47 -8.91 14.16 -28.62
CA GLU A 47 -9.62 12.88 -28.73
C GLU A 47 -8.68 11.68 -28.57
N GLN A 48 -7.41 11.99 -28.29
CA GLN A 48 -6.32 11.03 -28.27
C GLN A 48 -6.09 10.56 -26.81
N ALA A 49 -6.29 9.26 -26.55
CA ALA A 49 -5.99 8.66 -25.24
C ALA A 49 -4.48 8.42 -25.11
N GLN A 50 -3.86 8.89 -24.00
CA GLN A 50 -2.43 8.86 -23.85
C GLN A 50 -2.09 8.27 -22.49
N VAL A 51 -0.92 7.68 -22.40
CA VAL A 51 -0.30 7.30 -21.11
C VAL A 51 0.93 8.17 -20.89
N VAL A 52 1.05 8.75 -19.69
CA VAL A 52 2.20 9.57 -19.33
C VAL A 52 2.92 8.81 -18.23
N ILE A 53 4.21 8.63 -18.41
CA ILE A 53 5.04 7.90 -17.44
C ILE A 53 6.03 8.89 -16.88
N ILE A 54 5.98 9.04 -15.54
CA ILE A 54 6.96 9.89 -14.88
C ILE A 54 7.97 9.01 -14.18
N ASP A 55 9.23 9.11 -14.58
CA ASP A 55 10.32 8.37 -14.00
C ASP A 55 10.79 9.20 -12.81
N MET A 56 10.71 8.63 -11.61
CA MET A 56 10.95 9.42 -10.40
C MET A 56 12.44 9.72 -10.23
N ASN A 57 13.28 9.07 -11.01
CA ASN A 57 14.70 9.44 -11.10
C ASN A 57 14.96 10.62 -12.06
N ASP A 58 13.99 10.98 -12.88
CA ASP A 58 14.16 12.03 -13.89
C ASP A 58 12.82 12.60 -14.22
N PRO A 59 12.20 13.25 -13.23
CA PRO A 59 10.77 13.55 -13.35
C PRO A 59 10.45 14.72 -14.27
N SER A 60 11.43 15.60 -14.54
CA SER A 60 11.12 16.82 -15.26
C SER A 60 10.83 16.56 -16.74
N ASN A 61 11.21 15.37 -17.23
CA ASN A 61 11.00 14.89 -18.60
C ASN A 61 10.04 13.66 -18.71
N PRO A 62 8.73 13.85 -18.42
CA PRO A 62 7.77 12.75 -18.58
C PRO A 62 7.50 12.43 -20.05
N ILE A 63 7.29 11.15 -20.32
CA ILE A 63 7.11 10.63 -21.66
C ILE A 63 5.64 10.31 -21.86
N ARG A 64 5.06 10.85 -22.96
CA ARG A 64 3.68 10.53 -23.38
C ARG A 64 3.67 9.56 -24.55
N ARG A 65 2.79 8.55 -24.53
CA ARG A 65 2.64 7.64 -25.67
C ARG A 65 1.13 7.51 -25.90
N PRO A 66 0.71 7.48 -27.18
CA PRO A 66 -0.70 7.17 -27.44
C PRO A 66 -0.91 5.73 -27.12
N ILE A 67 -1.94 5.45 -26.35
CA ILE A 67 -2.28 4.13 -25.97
C ILE A 67 -3.72 4.23 -25.56
N SER A 68 -4.49 3.29 -26.04
CA SER A 68 -5.87 3.06 -25.63
C SER A 68 -5.85 1.92 -24.63
N ALA A 69 -6.26 2.24 -23.40
CA ALA A 69 -6.26 1.33 -22.30
C ALA A 69 -7.16 1.93 -21.26
N ASP A 70 -7.87 1.07 -20.58
CA ASP A 70 -8.71 1.50 -19.49
C ASP A 70 -7.92 1.58 -18.19
N SER A 71 -6.71 1.03 -18.19
CA SER A 71 -5.85 1.02 -16.99
C SER A 71 -4.43 0.72 -17.42
N ALA A 72 -3.46 1.35 -16.74
CA ALA A 72 -2.06 1.25 -17.07
C ALA A 72 -1.28 1.21 -15.74
N ILE A 73 -0.50 0.14 -15.51
CA ILE A 73 0.24 -0.04 -14.27
C ILE A 73 1.68 -0.39 -14.59
N MET A 74 2.61 0.45 -14.11
CA MET A 74 4.04 0.15 -14.27
C MET A 74 4.51 -0.92 -13.30
N ASN A 75 5.45 -1.78 -13.77
CA ASN A 75 6.10 -2.77 -12.94
C ASN A 75 6.81 -2.04 -11.80
N PRO A 76 6.92 -2.71 -10.66
CA PRO A 76 7.56 -2.01 -9.50
C PRO A 76 9.03 -1.74 -9.65
N ALA A 77 9.68 -2.53 -10.51
CA ALA A 77 11.16 -2.54 -10.55
C ALA A 77 11.70 -2.13 -11.91
N SER A 78 11.08 -2.64 -12.97
CA SER A 78 11.67 -2.56 -14.30
C SER A 78 10.79 -1.74 -15.24
N LYS A 79 11.35 -1.36 -16.40
CA LYS A 79 10.65 -0.55 -17.37
C LYS A 79 9.68 -1.41 -18.18
N VAL A 80 8.71 -1.92 -17.48
CA VAL A 80 7.67 -2.85 -18.04
C VAL A 80 6.33 -2.25 -17.67
N ILE A 81 5.33 -2.28 -18.57
CA ILE A 81 3.99 -1.74 -18.26
C ILE A 81 2.93 -2.78 -18.61
N ALA A 82 1.90 -2.90 -17.76
CA ALA A 82 0.75 -3.67 -18.05
C ALA A 82 -0.41 -2.77 -18.44
N LEU A 83 -1.10 -3.12 -19.52
CA LEU A 83 -2.20 -2.34 -20.07
C LEU A 83 -3.40 -3.21 -20.24
N LYS A 84 -4.56 -2.68 -19.88
CA LYS A 84 -5.74 -3.47 -20.16
C LYS A 84 -6.78 -2.67 -20.89
N ALA A 85 -7.47 -3.34 -21.82
CA ALA A 85 -8.52 -2.72 -22.67
C ALA A 85 -9.64 -3.70 -22.66
N GLY A 86 -10.60 -3.47 -21.79
CA GLY A 86 -11.64 -4.44 -21.49
C GLY A 86 -11.06 -5.77 -20.98
N LYS A 87 -11.38 -6.87 -21.65
CA LYS A 87 -10.96 -8.17 -21.15
C LYS A 87 -9.57 -8.54 -21.64
N THR A 88 -8.96 -7.71 -22.50
CA THR A 88 -7.65 -8.04 -23.05
C THR A 88 -6.53 -7.37 -22.25
N LEU A 89 -5.59 -8.19 -21.84
CA LEU A 89 -4.46 -7.72 -21.00
C LEU A 89 -3.19 -7.83 -21.79
N GLN A 90 -2.29 -6.86 -21.74
CA GLN A 90 -1.01 -6.96 -22.37
C GLN A 90 0.05 -6.44 -21.43
N ILE A 91 1.23 -7.01 -21.55
CA ILE A 91 2.39 -6.49 -20.83
C ILE A 91 3.46 -6.19 -21.88
N PHE A 92 4.06 -4.99 -21.83
CA PHE A 92 5.12 -4.53 -22.73
C PHE A 92 6.41 -4.19 -22.07
N ASN A 93 7.47 -4.52 -22.77
CA ASN A 93 8.80 -4.17 -22.43
C ASN A 93 9.10 -2.79 -23.08
N ILE A 94 9.14 -1.74 -22.27
CA ILE A 94 9.31 -0.38 -22.77
C ILE A 94 10.65 -0.12 -23.47
N GLU A 95 11.73 -0.57 -22.82
CA GLU A 95 13.08 -0.36 -23.26
C GLU A 95 13.25 -1.00 -24.64
N MET A 96 12.65 -2.19 -24.83
CA MET A 96 12.81 -2.94 -26.08
C MET A 96 11.67 -2.75 -27.03
N LYS A 97 10.74 -1.90 -26.64
CA LYS A 97 9.60 -1.50 -27.43
C LYS A 97 8.87 -2.70 -28.03
N SER A 98 8.58 -3.70 -27.18
CA SER A 98 8.06 -4.96 -27.60
C SER A 98 7.08 -5.55 -26.64
N LYS A 99 6.06 -6.17 -27.20
CA LYS A 99 5.09 -6.93 -26.45
C LYS A 99 5.78 -8.11 -25.75
N MET A 100 5.52 -8.32 -24.46
CA MET A 100 5.99 -9.48 -23.73
C MET A 100 4.94 -10.60 -23.72
N LYS A 101 3.71 -10.31 -23.27
CA LYS A 101 2.69 -11.30 -23.10
C LYS A 101 1.37 -10.68 -23.28
N ALA A 102 0.37 -11.50 -23.58
CA ALA A 102 -1.01 -11.05 -23.67
C ALA A 102 -1.94 -12.16 -23.19
N HIS A 103 -3.10 -11.76 -22.72
CA HIS A 103 -4.14 -12.71 -22.30
C HIS A 103 -5.49 -12.09 -22.42
N THR A 104 -6.47 -12.86 -22.94
CA THR A 104 -7.85 -12.41 -22.88
C THR A 104 -8.64 -13.18 -21.84
N MET A 105 -9.21 -12.43 -20.89
CA MET A 105 -10.01 -12.99 -19.83
C MET A 105 -11.42 -13.24 -20.43
N THR A 106 -12.15 -14.07 -19.72
CA THR A 106 -13.57 -14.26 -19.97
C THR A 106 -14.41 -13.35 -19.08
N ASP A 107 -13.88 -12.88 -17.94
CA ASP A 107 -14.57 -11.96 -17.01
C ASP A 107 -13.81 -10.66 -16.94
N ASP A 108 -14.52 -9.55 -16.74
CA ASP A 108 -13.87 -8.27 -16.62
C ASP A 108 -12.97 -8.22 -15.39
N VAL A 109 -11.83 -7.55 -15.54
CA VAL A 109 -10.86 -7.31 -14.43
C VAL A 109 -11.20 -5.95 -13.86
N THR A 110 -11.82 -5.90 -12.68
N THR A 110 -11.76 -5.95 -12.66
CA THR A 110 -12.19 -4.62 -12.10
CA THR A 110 -12.25 -4.76 -12.00
C THR A 110 -11.00 -3.91 -11.47
C THR A 110 -11.14 -4.00 -11.24
N PHE A 111 -10.02 -4.70 -10.97
CA PHE A 111 -8.86 -4.14 -10.28
C PHE A 111 -7.68 -5.02 -10.53
N TRP A 112 -6.54 -4.41 -10.74
CA TRP A 112 -5.28 -5.18 -10.83
C TRP A 112 -4.12 -4.39 -10.24
N LYS A 113 -3.07 -5.11 -9.84
CA LYS A 113 -1.94 -4.49 -9.21
C LYS A 113 -0.75 -5.43 -9.31
N TRP A 114 0.45 -4.86 -9.51
CA TRP A 114 1.65 -5.65 -9.38
C TRP A 114 1.89 -6.06 -7.91
N ILE A 115 2.17 -7.34 -7.67
CA ILE A 115 2.47 -7.80 -6.32
C ILE A 115 3.92 -8.15 -6.10
N SER A 116 4.71 -8.07 -7.16
CA SER A 116 6.13 -8.38 -7.10
C SER A 116 6.80 -7.83 -8.32
N LEU A 117 8.13 -8.09 -8.43
CA LEU A 117 8.90 -7.65 -9.59
C LEU A 117 8.47 -8.34 -10.86
N ASN A 118 7.73 -9.44 -10.77
CA ASN A 118 7.38 -10.18 -11.97
C ASN A 118 5.94 -10.69 -12.05
N THR A 119 5.06 -10.36 -11.08
CA THR A 119 3.72 -10.93 -11.05
C THR A 119 2.68 -9.84 -10.86
N VAL A 120 1.63 -9.90 -11.67
N VAL A 120 1.64 -9.86 -11.68
CA VAL A 120 0.41 -9.10 -11.54
CA VAL A 120 0.49 -8.96 -11.54
C VAL A 120 -0.70 -9.90 -10.91
C VAL A 120 -0.75 -9.77 -11.07
N ALA A 121 -1.45 -9.24 -10.06
CA ALA A 121 -2.64 -9.79 -9.54
C ALA A 121 -3.86 -9.19 -10.25
N LEU A 122 -4.79 -10.08 -10.62
CA LEU A 122 -6.05 -9.72 -11.31
C LEU A 122 -7.25 -10.03 -10.47
N VAL A 123 -8.15 -9.05 -10.34
CA VAL A 123 -9.34 -9.23 -9.54
C VAL A 123 -10.56 -9.05 -10.44
N THR A 124 -11.31 -10.12 -10.60
CA THR A 124 -12.57 -10.07 -11.29
C THR A 124 -13.70 -9.93 -10.27
N ASP A 125 -14.95 -9.88 -10.73
CA ASP A 125 -16.04 -9.95 -9.76
C ASP A 125 -16.06 -11.18 -8.87
N ASN A 126 -15.55 -12.31 -9.33
CA ASN A 126 -15.72 -13.53 -8.61
C ASN A 126 -14.43 -14.19 -8.15
N ALA A 127 -13.26 -13.70 -8.55
CA ALA A 127 -12.04 -14.43 -8.18
C ALA A 127 -10.83 -13.53 -8.22
N VAL A 128 -9.70 -14.08 -7.75
CA VAL A 128 -8.40 -13.40 -7.82
C VAL A 128 -7.40 -14.37 -8.52
N TYR A 129 -6.62 -13.83 -9.46
CA TYR A 129 -5.64 -14.56 -10.24
C TYR A 129 -4.28 -13.94 -10.02
N HIS A 130 -3.21 -14.74 -10.16
CA HIS A 130 -1.87 -14.20 -10.28
C HIS A 130 -1.33 -14.53 -11.67
N TRP A 131 -0.68 -13.56 -12.30
CA TRP A 131 -0.17 -13.68 -13.68
C TRP A 131 1.28 -13.27 -13.70
N SER A 132 2.15 -14.22 -13.98
CA SER A 132 3.56 -13.92 -14.29
C SER A 132 3.76 -13.14 -15.58
N MET A 133 4.66 -12.18 -15.56
CA MET A 133 5.07 -11.47 -16.77
C MET A 133 6.06 -12.29 -17.60
N GLU A 134 6.50 -13.42 -17.05
CA GLU A 134 7.55 -14.22 -17.72
C GLU A 134 6.94 -15.42 -18.38
N GLY A 135 7.57 -15.86 -19.45
CA GLY A 135 7.19 -17.13 -20.10
C GLY A 135 5.84 -17.05 -20.74
N GLU A 136 5.19 -18.20 -20.91
CA GLU A 136 3.94 -18.28 -21.64
C GLU A 136 2.71 -18.48 -20.77
N SER A 137 2.89 -18.58 -19.45
CA SER A 137 1.83 -19.00 -18.54
C SER A 137 0.65 -18.04 -18.57
N GLN A 138 -0.57 -18.60 -18.50
CA GLN A 138 -1.77 -17.80 -18.38
C GLN A 138 -1.93 -17.45 -16.91
N PRO A 139 -2.80 -16.49 -16.63
CA PRO A 139 -3.13 -16.24 -15.20
C PRO A 139 -3.62 -17.47 -14.48
N VAL A 140 -3.26 -17.59 -13.20
CA VAL A 140 -3.64 -18.72 -12.40
C VAL A 140 -4.58 -18.29 -11.30
N LYS A 141 -5.75 -18.92 -11.20
CA LYS A 141 -6.73 -18.59 -10.12
C LYS A 141 -6.16 -19.00 -8.77
N MET A 142 -6.10 -18.03 -7.85
CA MET A 142 -5.65 -18.20 -6.48
C MET A 142 -6.80 -18.52 -5.50
N PHE A 143 -7.93 -17.84 -5.65
CA PHE A 143 -9.06 -18.07 -4.82
C PHE A 143 -10.28 -17.46 -5.40
N ASP A 144 -11.41 -17.95 -4.92
CA ASP A 144 -12.71 -17.33 -5.20
C ASP A 144 -13.05 -16.23 -4.17
N ARG A 145 -13.65 -15.17 -4.68
CA ARG A 145 -14.00 -14.08 -3.79
C ARG A 145 -15.09 -14.46 -2.81
N HIS A 146 -14.94 -13.95 -1.59
CA HIS A 146 -15.89 -14.14 -0.52
C HIS A 146 -17.12 -13.25 -0.71
N SER A 147 -18.29 -13.75 -0.32
CA SER A 147 -19.53 -12.99 -0.51
C SER A 147 -19.58 -11.62 0.22
N SER A 148 -18.86 -11.52 1.33
CA SER A 148 -18.77 -10.28 2.10
C SER A 148 -18.25 -9.08 1.27
N LEU A 149 -17.55 -9.36 0.16
CA LEU A 149 -17.00 -8.31 -0.69
C LEU A 149 -17.89 -7.98 -1.89
N ALA A 150 -19.05 -8.62 -1.96
CA ALA A 150 -19.92 -8.43 -3.13
C ALA A 150 -20.38 -6.99 -3.16
N GLY A 151 -20.24 -6.34 -4.28
CA GLY A 151 -20.69 -4.95 -4.41
C GLY A 151 -19.67 -3.93 -3.99
N CYS A 152 -18.52 -4.38 -3.46
CA CYS A 152 -17.51 -3.42 -2.99
C CYS A 152 -16.76 -2.77 -4.13
N GLN A 153 -16.30 -1.53 -3.89
CA GLN A 153 -15.22 -0.95 -4.66
C GLN A 153 -13.92 -1.62 -4.17
N ILE A 154 -13.26 -2.33 -5.07
CA ILE A 154 -11.92 -2.91 -4.69
C ILE A 154 -10.88 -1.83 -4.61
N ILE A 155 -10.16 -1.76 -3.46
CA ILE A 155 -9.19 -0.69 -3.31
C ILE A 155 -7.75 -1.15 -3.12
N ASN A 156 -7.56 -2.44 -2.81
CA ASN A 156 -6.18 -2.94 -2.67
C ASN A 156 -6.13 -4.44 -2.75
N TYR A 157 -4.96 -4.95 -3.08
CA TYR A 157 -4.65 -6.36 -3.00
C TYR A 157 -3.13 -6.46 -2.73
N ARG A 158 -2.78 -7.24 -1.72
CA ARG A 158 -1.39 -7.43 -1.38
C ARG A 158 -1.15 -8.78 -0.70
N THR A 159 0.11 -9.13 -0.57
CA THR A 159 0.47 -10.49 -0.11
C THR A 159 1.62 -10.38 0.83
N ASP A 160 1.87 -11.44 1.57
CA ASP A 160 3.11 -11.50 2.32
C ASP A 160 4.25 -11.82 1.32
N ALA A 161 5.48 -11.75 1.83
CA ALA A 161 6.68 -11.95 0.99
C ALA A 161 6.67 -13.25 0.24
N LYS A 162 6.21 -14.33 0.91
CA LYS A 162 6.22 -15.67 0.36
C LYS A 162 4.98 -16.02 -0.51
N GLN A 163 4.03 -15.09 -0.63
CA GLN A 163 2.83 -15.26 -1.45
C GLN A 163 2.04 -16.47 -1.00
N LYS A 164 2.04 -16.65 0.32
CA LYS A 164 1.18 -17.64 0.95
C LYS A 164 -0.03 -17.09 1.71
N TRP A 165 -0.03 -15.78 1.99
CA TRP A 165 -1.15 -15.11 2.65
C TRP A 165 -1.55 -13.95 1.75
N LEU A 166 -2.78 -13.98 1.26
CA LEU A 166 -3.24 -13.07 0.21
C LEU A 166 -4.40 -12.27 0.82
N LEU A 167 -4.39 -10.96 0.60
CA LEU A 167 -5.39 -10.07 1.13
C LEU A 167 -6.02 -9.13 0.11
N LEU A 168 -7.31 -9.25 -0.06
CA LEU A 168 -8.15 -8.41 -0.94
C LEU A 168 -8.95 -7.49 -0.04
N THR A 169 -8.94 -6.21 -0.37
CA THR A 169 -9.67 -5.19 0.39
C THR A 169 -10.61 -4.38 -0.53
N GLY A 170 -11.86 -4.33 -0.11
CA GLY A 170 -12.83 -3.42 -0.72
C GLY A 170 -13.50 -2.52 0.31
N ILE A 171 -14.26 -1.55 -0.23
CA ILE A 171 -15.04 -0.70 0.60
C ILE A 171 -16.43 -0.55 -0.04
N SER A 172 -17.41 -0.29 0.79
CA SER A 172 -18.78 -0.07 0.34
C SER A 172 -19.38 1.05 1.15
N ALA A 173 -20.38 1.73 0.56
CA ALA A 173 -21.12 2.77 1.25
C ALA A 173 -22.34 2.12 1.83
N GLN A 174 -22.49 2.24 3.12
CA GLN A 174 -23.62 1.68 3.82
C GLN A 174 -24.21 2.90 4.50
N GLN A 175 -25.29 3.37 3.90
CA GLN A 175 -25.87 4.65 4.30
C GLN A 175 -24.80 5.70 4.21
N ASN A 176 -24.44 6.35 5.31
CA ASN A 176 -23.42 7.44 5.25
C ASN A 176 -22.07 7.02 5.82
N ARG A 177 -21.85 5.70 5.86
CA ARG A 177 -20.55 5.10 6.38
C ARG A 177 -19.80 4.41 5.31
N VAL A 178 -18.45 4.44 5.40
CA VAL A 178 -17.64 3.69 4.47
C VAL A 178 -17.14 2.48 5.25
N VAL A 179 -17.62 1.32 4.87
CA VAL A 179 -17.34 0.06 5.56
C VAL A 179 -16.32 -0.72 4.76
N GLY A 180 -15.25 -1.09 5.49
CA GLY A 180 -14.21 -1.89 4.87
C GLY A 180 -14.51 -3.38 4.95
N ALA A 181 -14.19 -4.12 3.88
CA ALA A 181 -14.36 -5.58 3.86
C ALA A 181 -13.10 -6.19 3.27
N MET A 182 -12.43 -7.03 4.06
CA MET A 182 -11.23 -7.71 3.60
C MET A 182 -11.50 -9.21 3.55
N GLN A 183 -10.72 -9.85 2.69
CA GLN A 183 -10.70 -11.28 2.56
C GLN A 183 -9.22 -11.71 2.66
N LEU A 184 -8.94 -12.43 3.73
CA LEU A 184 -7.60 -13.01 3.97
C LEU A 184 -7.65 -14.47 3.57
N TYR A 185 -6.84 -14.85 2.59
CA TYR A 185 -6.81 -16.22 2.08
C TYR A 185 -5.46 -16.85 2.37
N SER A 186 -5.51 -18.06 2.92
CA SER A 186 -4.35 -18.90 3.13
C SER A 186 -4.17 -19.87 1.95
N VAL A 187 -3.07 -19.72 1.22
CA VAL A 187 -2.72 -20.59 0.05
C VAL A 187 -2.59 -22.04 0.49
N ASP A 188 -1.97 -22.24 1.61
CA ASP A 188 -1.70 -23.58 2.08
C ASP A 188 -2.91 -24.28 2.67
N ARG A 189 -3.72 -23.57 3.46
CA ARG A 189 -4.89 -24.15 4.07
C ARG A 189 -6.12 -24.12 3.14
N LYS A 190 -6.08 -23.32 2.08
CA LYS A 190 -7.24 -23.14 1.19
C LYS A 190 -8.47 -22.66 1.95
N VAL A 191 -8.24 -21.68 2.85
CA VAL A 191 -9.26 -21.12 3.73
C VAL A 191 -9.27 -19.59 3.58
N SER A 192 -10.48 -19.01 3.51
CA SER A 192 -10.69 -17.55 3.56
C SER A 192 -11.27 -17.10 4.89
N GLN A 193 -10.80 -15.95 5.37
CA GLN A 193 -11.28 -15.29 6.54
C GLN A 193 -11.77 -13.89 6.20
N PRO A 194 -13.06 -13.61 6.37
CA PRO A 194 -13.56 -12.25 6.21
C PRO A 194 -13.21 -11.42 7.43
N ILE A 195 -12.80 -10.16 7.21
CA ILE A 195 -12.36 -9.30 8.26
C ILE A 195 -12.84 -7.90 7.90
N GLU A 196 -13.44 -7.21 8.86
CA GLU A 196 -13.79 -5.79 8.69
C GLU A 196 -12.50 -4.97 8.90
N GLY A 197 -12.02 -4.38 7.80
CA GLY A 197 -10.78 -3.62 7.80
C GLY A 197 -10.72 -2.64 6.67
N HIS A 198 -10.06 -1.49 6.93
CA HIS A 198 -9.83 -0.44 5.92
C HIS A 198 -8.49 -0.36 5.19
N ALA A 199 -7.39 -0.72 5.89
CA ALA A 199 -6.03 -0.67 5.32
C ALA A 199 -5.16 -1.67 6.04
N ALA A 200 -4.19 -2.24 5.35
CA ALA A 200 -3.42 -3.34 5.91
C ALA A 200 -2.11 -3.45 5.19
N SER A 201 -1.19 -4.24 5.78
CA SER A 201 0.04 -4.60 5.11
C SER A 201 0.59 -5.87 5.84
N PHE A 202 1.55 -6.52 5.23
CA PHE A 202 2.27 -7.63 5.83
C PHE A 202 3.67 -7.14 6.17
N ALA A 203 4.37 -7.84 7.07
CA ALA A 203 5.75 -7.55 7.33
C ALA A 203 6.42 -8.73 7.94
N GLN A 204 7.70 -8.88 7.69
CA GLN A 204 8.55 -9.85 8.46
C GLN A 204 9.14 -9.13 9.67
N PHE A 205 9.19 -9.84 10.80
CA PHE A 205 9.68 -9.30 12.05
C PHE A 205 10.36 -10.43 12.80
N LYS A 206 11.59 -10.20 13.23
CA LYS A 206 12.30 -11.21 14.06
C LYS A 206 12.20 -10.85 15.54
N MET A 207 11.47 -11.62 16.29
CA MET A 207 11.28 -11.41 17.73
C MET A 207 12.55 -11.72 18.48
N GLU A 208 12.83 -10.97 19.56
CA GLU A 208 13.90 -11.34 20.48
C GLU A 208 13.65 -12.76 20.95
N GLY A 209 14.72 -13.53 20.93
CA GLY A 209 14.62 -14.91 21.37
C GLY A 209 14.36 -15.89 20.25
N ASN A 210 13.96 -15.40 19.06
CA ASN A 210 13.68 -16.26 17.94
C ASN A 210 14.80 -16.17 16.93
N ALA A 211 15.13 -17.31 16.36
CA ALA A 211 16.15 -17.37 15.32
C ALA A 211 15.55 -17.04 13.92
N GLU A 212 14.24 -17.23 13.75
CA GLU A 212 13.59 -17.04 12.45
C GLU A 212 12.58 -15.88 12.54
N GLU A 213 12.40 -15.22 11.41
CA GLU A 213 11.43 -14.15 11.30
C GLU A 213 10.00 -14.71 11.43
N SER A 214 9.11 -13.89 11.96
CA SER A 214 7.67 -14.12 12.03
C SER A 214 7.03 -13.35 10.86
N THR A 215 5.95 -13.90 10.32
CA THR A 215 5.21 -13.21 9.24
C THR A 215 4.03 -12.54 9.91
N LEU A 216 4.01 -11.21 9.90
CA LEU A 216 2.99 -10.43 10.56
C LEU A 216 2.01 -9.82 9.53
N PHE A 217 0.79 -9.72 10.00
CA PHE A 217 -0.38 -9.12 9.28
C PHE A 217 -0.88 -7.97 10.19
N CYS A 218 -0.88 -6.75 9.65
CA CYS A 218 -1.33 -5.63 10.40
C CYS A 218 -2.51 -4.98 9.63
N PHE A 219 -3.60 -4.81 10.32
CA PHE A 219 -4.71 -4.04 9.71
C PHE A 219 -5.28 -3.04 10.63
N ALA A 220 -5.89 -1.99 10.01
CA ALA A 220 -6.53 -0.89 10.75
C ALA A 220 -7.94 -0.75 10.22
N VAL A 221 -8.82 -0.32 11.10
CA VAL A 221 -10.24 -0.14 10.78
C VAL A 221 -10.80 0.98 11.65
N ARG A 222 -11.81 1.66 11.09
CA ARG A 222 -12.70 2.45 11.92
C ARG A 222 -14.12 2.01 11.66
N GLY A 223 -14.61 1.24 12.59
CA GLY A 223 -15.91 0.61 12.50
C GLY A 223 -16.78 1.20 13.58
N GLN A 224 -17.85 0.47 13.87
CA GLN A 224 -18.84 0.95 14.83
C GLN A 224 -18.22 1.12 16.25
N ALA A 225 -17.24 0.28 16.59
CA ALA A 225 -16.45 0.35 17.85
C ALA A 225 -15.29 1.36 17.83
N GLY A 226 -15.16 2.21 16.82
CA GLY A 226 -14.07 3.18 16.78
C GLY A 226 -12.84 2.62 16.04
N GLY A 227 -11.76 3.39 16.05
CA GLY A 227 -10.56 2.99 15.34
C GLY A 227 -9.80 1.96 16.14
N LYS A 228 -9.34 0.94 15.43
CA LYS A 228 -8.57 -0.13 15.97
C LYS A 228 -7.47 -0.51 15.01
N LEU A 229 -6.34 -0.95 15.54
CA LEU A 229 -5.23 -1.48 14.78
C LEU A 229 -4.85 -2.84 15.42
N HIS A 230 -4.67 -3.84 14.58
CA HIS A 230 -4.32 -5.19 15.02
C HIS A 230 -3.03 -5.63 14.33
N ILE A 231 -2.18 -6.35 15.10
CA ILE A 231 -0.93 -6.89 14.56
C ILE A 231 -0.91 -8.36 14.98
N ILE A 232 -0.92 -9.26 14.00
CA ILE A 232 -1.07 -10.68 14.31
C ILE A 232 -0.11 -11.50 13.48
N GLU A 233 0.38 -12.61 14.02
CA GLU A 233 1.19 -13.50 13.19
C GLU A 233 0.25 -14.35 12.32
N VAL A 234 0.59 -14.53 11.06
CA VAL A 234 -0.15 -15.48 10.23
C VAL A 234 0.71 -16.75 9.87
N GLY A 235 0.05 -17.88 9.89
CA GLY A 235 0.61 -19.12 9.37
C GLY A 235 1.36 -19.80 10.51
N THR A 236 1.89 -20.98 10.20
CA THR A 236 2.66 -21.68 11.20
C THR A 236 3.96 -20.96 11.50
N PRO A 237 4.23 -20.70 12.75
CA PRO A 237 5.57 -20.16 13.13
C PRO A 237 6.70 -21.09 12.77
N PRO A 238 7.78 -20.56 12.24
CA PRO A 238 8.95 -21.41 11.99
C PRO A 238 9.26 -22.29 13.24
N THR A 239 9.62 -23.53 12.96
CA THR A 239 10.02 -24.42 14.03
C THR A 239 11.12 -23.78 14.88
N GLY A 240 10.93 -23.80 16.18
CA GLY A 240 11.87 -23.20 17.12
C GLY A 240 11.47 -21.80 17.58
N ASN A 241 10.52 -21.19 16.89
CA ASN A 241 10.03 -19.86 17.32
C ASN A 241 8.95 -19.93 18.35
N GLN A 242 8.96 -18.91 19.23
CA GLN A 242 7.83 -18.59 20.01
C GLN A 242 6.85 -17.81 19.10
N PRO A 243 5.57 -17.99 19.34
CA PRO A 243 4.55 -17.25 18.56
C PRO A 243 4.53 -15.77 18.95
N PHE A 244 4.21 -14.92 17.97
CA PHE A 244 4.10 -13.48 18.26
C PHE A 244 2.79 -13.21 18.98
N PRO A 245 2.82 -12.60 20.17
CA PRO A 245 1.57 -12.33 20.87
C PRO A 245 0.76 -11.24 20.07
N LYS A 246 -0.48 -11.53 19.77
CA LYS A 246 -1.26 -10.56 19.00
C LYS A 246 -1.44 -9.26 19.76
N LYS A 247 -1.42 -8.15 18.99
CA LYS A 247 -1.52 -6.80 19.54
C LYS A 247 -2.79 -6.17 19.00
N ALA A 248 -3.47 -5.42 19.85
CA ALA A 248 -4.71 -4.71 19.47
C ALA A 248 -4.64 -3.38 20.21
N VAL A 249 -4.67 -2.26 19.45
CA VAL A 249 -4.60 -0.95 20.04
C VAL A 249 -5.62 -0.03 19.37
N ASP A 250 -5.87 1.09 20.02
CA ASP A 250 -6.81 2.05 19.44
C ASP A 250 -6.11 2.91 18.36
N VAL A 251 -6.93 3.40 17.42
CA VAL A 251 -6.53 4.33 16.39
C VAL A 251 -7.36 5.61 16.66
N PHE A 252 -6.66 6.66 17.03
CA PHE A 252 -7.22 7.94 17.44
C PHE A 252 -7.65 8.81 16.28
N PHE A 253 -8.87 9.33 16.41
CA PHE A 253 -9.41 10.41 15.58
C PHE A 253 -9.89 11.59 16.44
N PRO A 254 -9.44 12.78 16.13
CA PRO A 254 -9.90 13.92 16.91
C PRO A 254 -11.36 14.22 16.66
N PRO A 255 -11.95 14.99 17.56
CA PRO A 255 -13.38 15.22 17.51
C PRO A 255 -13.87 15.86 16.25
N GLU A 256 -13.02 16.63 15.58
CA GLU A 256 -13.41 17.29 14.37
C GLU A 256 -13.28 16.34 13.13
N ALA A 257 -12.92 15.07 13.37
CA ALA A 257 -12.63 14.14 12.26
C ALA A 257 -13.52 12.90 12.34
N GLN A 258 -14.83 13.07 12.70
CA GLN A 258 -15.71 11.91 12.91
C GLN A 258 -15.90 11.12 11.65
N ASN A 259 -15.67 11.74 10.49
CA ASN A 259 -15.83 11.03 9.21
C ASN A 259 -14.51 10.56 8.54
N ASP A 260 -13.41 10.71 9.27
CA ASP A 260 -12.12 10.25 8.81
C ASP A 260 -12.03 8.76 9.07
N PHE A 261 -11.16 8.06 8.30
CA PHE A 261 -10.98 6.65 8.46
C PHE A 261 -9.67 6.26 7.76
N PRO A 262 -9.12 5.06 8.06
CA PRO A 262 -7.84 4.69 7.40
C PRO A 262 -8.00 4.39 5.93
N VAL A 263 -7.00 4.78 5.10
CA VAL A 263 -7.01 4.49 3.68
C VAL A 263 -5.74 3.82 3.14
N ALA A 264 -4.62 3.83 3.88
CA ALA A 264 -3.37 3.30 3.32
C ALA A 264 -2.47 2.92 4.48
N MET A 265 -1.66 1.92 4.21
CA MET A 265 -0.65 1.45 5.22
C MET A 265 0.60 0.97 4.50
N GLN A 266 1.76 1.35 5.02
CA GLN A 266 2.99 0.72 4.61
C GLN A 266 3.79 0.48 5.87
N ILE A 267 4.69 -0.51 5.81
CA ILE A 267 5.50 -0.85 6.99
C ILE A 267 6.99 -0.74 6.65
N SER A 268 7.77 -0.13 7.53
CA SER A 268 9.21 -0.17 7.50
C SER A 268 9.73 -1.33 8.32
N GLU A 269 10.33 -2.30 7.67
CA GLU A 269 10.98 -3.42 8.41
C GLU A 269 12.33 -2.98 8.94
N LYS A 270 12.97 -2.01 8.31
CA LYS A 270 14.22 -1.43 8.88
C LYS A 270 14.01 -0.87 10.30
N HIS A 271 12.93 -0.12 10.50
CA HIS A 271 12.64 0.59 11.74
C HIS A 271 11.54 -0.06 12.57
N ASP A 272 10.90 -1.10 12.02
CA ASP A 272 9.76 -1.74 12.65
C ASP A 272 8.70 -0.73 13.05
N VAL A 273 8.29 0.01 12.04
CA VAL A 273 7.26 1.07 12.16
C VAL A 273 6.18 0.87 11.10
N VAL A 274 4.96 1.00 11.57
CA VAL A 274 3.76 1.00 10.71
C VAL A 274 3.41 2.46 10.44
N PHE A 275 3.23 2.77 9.16
CA PHE A 275 2.74 4.06 8.69
C PHE A 275 1.29 3.87 8.29
N LEU A 276 0.39 4.63 8.92
CA LEU A 276 -1.02 4.60 8.53
C LEU A 276 -1.39 5.97 8.04
N ILE A 277 -2.07 6.03 6.87
CA ILE A 277 -2.58 7.27 6.36
C ILE A 277 -4.12 7.23 6.36
N THR A 278 -4.71 8.35 6.77
CA THR A 278 -6.17 8.49 6.84
C THR A 278 -6.68 9.29 5.65
N LYS A 279 -7.98 9.13 5.39
CA LYS A 279 -8.68 9.83 4.34
C LYS A 279 -8.45 11.33 4.38
N TYR A 280 -8.45 11.93 5.56
CA TYR A 280 -8.28 13.38 5.69
C TYR A 280 -6.86 13.89 5.52
N GLY A 281 -5.87 12.97 5.41
CA GLY A 281 -4.51 13.35 5.18
C GLY A 281 -3.64 13.30 6.43
N TYR A 282 -4.10 12.59 7.44
CA TYR A 282 -3.24 12.37 8.65
C TYR A 282 -2.35 11.16 8.47
N ILE A 283 -1.14 11.24 9.05
CA ILE A 283 -0.26 10.09 9.15
C ILE A 283 -0.11 9.75 10.64
N HIS A 284 -0.08 8.44 10.90
CA HIS A 284 0.20 7.86 12.23
C HIS A 284 1.36 6.92 12.08
N LEU A 285 2.25 6.91 13.07
CA LEU A 285 3.30 5.89 13.16
C LEU A 285 3.01 5.02 14.38
N TYR A 286 3.15 3.71 14.20
CA TYR A 286 3.00 2.75 15.30
C TYR A 286 4.22 1.82 15.32
N ASP A 287 4.62 1.42 16.52
CA ASP A 287 5.65 0.37 16.67
C ASP A 287 5.04 -0.95 16.20
N LEU A 288 5.72 -1.66 15.30
CA LEU A 288 5.28 -2.92 14.77
C LEU A 288 5.25 -3.99 15.86
N GLU A 289 6.16 -3.91 16.83
CA GLU A 289 6.25 -4.94 17.83
C GLU A 289 5.08 -4.90 18.83
N THR A 290 4.73 -3.72 19.29
CA THR A 290 3.72 -3.53 20.35
C THR A 290 2.42 -2.86 19.99
N GLY A 291 2.45 -2.19 18.85
CA GLY A 291 1.34 -1.29 18.50
C GLY A 291 1.38 0.09 19.13
N THR A 292 2.40 0.40 19.95
CA THR A 292 2.47 1.70 20.57
C THR A 292 2.40 2.81 19.51
N CYS A 293 1.56 3.81 19.77
CA CYS A 293 1.47 4.95 18.86
C CYS A 293 2.62 5.91 19.11
N ILE A 294 3.48 6.06 18.11
CA ILE A 294 4.64 6.92 18.17
C ILE A 294 4.35 8.38 17.83
N TYR A 295 3.43 8.62 16.86
CA TYR A 295 3.31 9.97 16.31
C TYR A 295 2.07 10.07 15.44
N MET A 296 1.39 11.22 15.50
CA MET A 296 0.28 11.51 14.57
C MET A 296 0.36 12.98 14.17
N ASN A 297 0.05 13.26 12.91
CA ASN A 297 -0.07 14.64 12.48
C ASN A 297 -0.79 14.67 11.15
N ARG A 298 -1.44 15.80 10.84
CA ARG A 298 -1.99 15.99 9.51
C ARG A 298 -0.92 16.51 8.56
N ILE A 299 -0.59 15.75 7.53
CA ILE A 299 0.55 16.06 6.63
C ILE A 299 0.12 16.47 5.20
N SER A 300 -1.16 16.44 4.95
CA SER A 300 -1.70 16.74 3.63
C SER A 300 -3.08 17.37 3.76
N GLY A 301 -3.25 18.47 3.01
CA GLY A 301 -4.58 19.12 2.91
C GLY A 301 -5.55 18.45 2.00
N GLU A 302 -5.10 17.52 1.17
CA GLU A 302 -5.93 16.82 0.26
C GLU A 302 -5.78 15.36 0.53
N THR A 303 -6.82 14.61 0.19
N THR A 303 -6.81 14.60 0.18
CA THR A 303 -6.77 13.15 0.35
CA THR A 303 -6.72 13.16 0.35
C THR A 303 -5.62 12.53 -0.46
C THR A 303 -5.55 12.62 -0.41
N ILE A 304 -4.91 11.60 0.18
CA ILE A 304 -3.81 10.84 -0.39
C ILE A 304 -4.42 9.52 -0.85
N PHE A 305 -4.46 9.32 -2.17
CA PHE A 305 -5.26 8.25 -2.76
C PHE A 305 -4.49 7.00 -3.22
N VAL A 306 -3.17 7.12 -3.20
CA VAL A 306 -2.23 6.06 -3.59
C VAL A 306 -0.95 6.16 -2.80
N THR A 307 -0.42 5.02 -2.37
CA THR A 307 0.86 4.99 -1.67
C THR A 307 1.70 3.79 -2.06
N ALA A 308 3.00 3.90 -1.74
CA ALA A 308 3.91 2.78 -1.97
C ALA A 308 4.97 2.88 -0.86
N PRO A 309 5.68 1.78 -0.67
CA PRO A 309 6.92 1.91 0.11
C PRO A 309 7.92 2.89 -0.55
N HIS A 310 8.61 3.68 0.27
CA HIS A 310 9.65 4.55 -0.20
C HIS A 310 10.99 3.89 0.15
N GLU A 311 11.63 3.28 -0.84
CA GLU A 311 12.61 2.23 -0.58
C GLU A 311 13.85 2.75 0.11
N ALA A 312 14.40 3.85 -0.37
CA ALA A 312 15.75 4.24 0.09
C ALA A 312 15.68 4.62 1.58
N THR A 313 14.55 5.21 1.97
CA THR A 313 14.37 5.67 3.39
C THR A 313 13.52 4.74 4.24
N ALA A 314 13.04 3.63 3.68
CA ALA A 314 12.15 2.73 4.36
C ALA A 314 10.95 3.51 4.89
N GLY A 315 10.45 4.43 4.08
CA GLY A 315 9.30 5.22 4.42
C GLY A 315 8.07 4.90 3.56
N ILE A 316 7.16 5.88 3.49
CA ILE A 316 5.90 5.76 2.72
C ILE A 316 5.86 6.97 1.79
N ILE A 317 5.54 6.73 0.52
CA ILE A 317 5.41 7.80 -0.49
C ILE A 317 3.98 7.74 -0.99
N GLY A 318 3.43 8.90 -1.33
CA GLY A 318 2.03 8.98 -1.77
C GLY A 318 1.76 10.16 -2.67
N VAL A 319 0.62 10.08 -3.32
CA VAL A 319 0.17 11.19 -4.18
C VAL A 319 -1.17 11.66 -3.65
N ASN A 320 -1.32 12.98 -3.50
CA ASN A 320 -2.59 13.54 -3.12
C ASN A 320 -3.38 14.13 -4.34
N ARG A 321 -4.63 14.48 -4.07
CA ARG A 321 -5.55 14.83 -5.15
C ARG A 321 -5.16 16.10 -5.89
N LYS A 322 -4.35 16.95 -5.31
CA LYS A 322 -3.88 18.12 -6.02
C LYS A 322 -2.59 17.84 -6.82
N GLY A 323 -2.00 16.65 -6.65
CA GLY A 323 -0.79 16.31 -7.31
C GLY A 323 0.54 16.45 -6.57
N GLN A 324 0.48 16.72 -5.25
CA GLN A 324 1.66 16.68 -4.43
C GLN A 324 2.10 15.26 -4.26
N VAL A 325 3.35 14.98 -4.54
CA VAL A 325 3.97 13.73 -4.29
C VAL A 325 4.78 13.95 -3.05
N LEU A 326 4.41 13.24 -2.02
CA LEU A 326 5.02 13.47 -0.68
C LEU A 326 5.46 12.19 -0.02
N SER A 327 6.37 12.28 0.93
CA SER A 327 6.75 11.05 1.64
C SER A 327 7.01 11.36 3.11
N VAL A 328 6.98 10.29 3.91
CA VAL A 328 7.31 10.37 5.33
C VAL A 328 8.16 9.16 5.65
N CYS A 329 9.26 9.42 6.37
CA CYS A 329 10.11 8.35 6.90
C CYS A 329 10.55 8.67 8.30
N VAL A 330 11.05 7.65 8.97
CA VAL A 330 11.77 7.85 10.25
C VAL A 330 12.95 8.79 10.11
N GLU A 331 13.04 9.77 11.02
CA GLU A 331 14.19 10.62 11.13
C GLU A 331 15.13 9.83 12.12
N GLU A 332 16.19 9.26 11.60
CA GLU A 332 16.92 8.20 12.34
C GLU A 332 17.70 8.81 13.51
N GLU A 333 18.06 10.07 13.37
CA GLU A 333 18.83 10.76 14.48
C GLU A 333 17.94 11.31 15.57
N ASN A 334 16.68 11.60 15.24
CA ASN A 334 15.75 12.26 16.17
C ASN A 334 14.67 11.37 16.80
N ILE A 335 14.45 10.20 16.24
CA ILE A 335 13.35 9.37 16.71
C ILE A 335 13.57 8.93 18.16
N ILE A 336 14.77 8.49 18.50
CA ILE A 336 14.97 7.99 19.88
C ILE A 336 14.93 9.12 20.89
N PRO A 337 15.56 10.28 20.61
CA PRO A 337 15.35 11.46 21.44
C PRO A 337 13.85 11.87 21.66
N TYR A 338 13.03 11.77 20.61
CA TYR A 338 11.62 12.06 20.67
C TYR A 338 10.91 11.03 21.56
N ILE A 339 11.22 9.77 21.37
CA ILE A 339 10.55 8.71 22.12
C ILE A 339 10.90 8.88 23.61
N THR A 340 12.13 9.23 23.87
CA THR A 340 12.64 9.38 25.26
C THR A 340 11.97 10.53 26.02
N ASN A 341 11.94 11.70 25.37
CA ASN A 341 11.62 12.96 26.00
C ASN A 341 10.22 13.49 25.73
N VAL A 342 9.63 13.07 24.61
CA VAL A 342 8.24 13.48 24.31
C VAL A 342 7.24 12.38 24.62
N LEU A 343 7.41 11.19 24.05
CA LEU A 343 6.59 10.07 24.43
C LEU A 343 6.89 9.52 25.85
N GLN A 344 8.10 9.74 26.33
CA GLN A 344 8.55 9.19 27.60
C GLN A 344 8.37 7.68 27.70
N ASN A 345 8.86 7.00 26.67
CA ASN A 345 8.79 5.54 26.56
C ASN A 345 10.15 4.90 26.45
N PRO A 346 10.82 4.74 27.62
CA PRO A 346 12.19 4.22 27.55
C PRO A 346 12.29 2.77 27.11
N ASP A 347 11.24 1.97 27.35
CA ASP A 347 11.22 0.61 26.82
C ASP A 347 11.38 0.61 25.30
N LEU A 348 10.55 1.42 24.62
CA LEU A 348 10.70 1.55 23.19
C LEU A 348 12.02 2.14 22.72
N ALA A 349 12.56 3.17 23.42
CA ALA A 349 13.83 3.72 23.11
C ALA A 349 14.90 2.62 23.13
N LEU A 350 14.85 1.81 24.16
CA LEU A 350 15.79 0.70 24.28
C LEU A 350 15.64 -0.33 23.17
N ARG A 351 14.42 -0.72 22.89
CA ARG A 351 14.23 -1.75 21.86
C ARG A 351 14.75 -1.22 20.54
N MET A 352 14.45 0.03 20.18
CA MET A 352 14.93 0.57 18.92
C MET A 352 16.47 0.60 18.87
N ALA A 353 17.10 1.07 19.97
CA ALA A 353 18.54 1.14 19.96
C ALA A 353 19.17 -0.26 19.89
N VAL A 354 18.53 -1.23 20.50
CA VAL A 354 19.10 -2.61 20.51
C VAL A 354 19.11 -3.12 19.07
N ARG A 355 18.04 -2.82 18.32
CA ARG A 355 18.01 -3.22 16.92
C ARG A 355 19.01 -2.45 16.09
N ASN A 356 19.10 -1.14 16.28
CA ASN A 356 20.04 -0.34 15.50
C ASN A 356 21.49 -0.78 15.67
N ASN A 357 21.90 -1.10 16.90
CA ASN A 357 23.25 -1.63 17.16
C ASN A 357 23.47 -3.00 16.51
N LEU A 358 22.37 -3.76 16.35
CA LEU A 358 22.23 -4.91 15.40
C LEU A 358 22.36 -6.25 16.12
#